data_7M5Z
#
_entry.id   7M5Z
#
_cell.length_a   70.203
_cell.length_b   91.272
_cell.length_c   100.804
_cell.angle_alpha   90.00
_cell.angle_beta   90.00
_cell.angle_gamma   90.00
#
_symmetry.space_group_name_H-M   'P 21 21 21'
#
loop_
_entity.id
_entity.type
_entity.pdbx_description
1 polymer 'Tyrosine-protein kinase Mer'
2 non-polymer 2-(butylamino)-N-[1-(3-fluoropropyl)piperidin-4-yl]-4-{[(1r,4r)-4-hydroxycyclohexyl]amino}pyrimidine-5-carboxamide
3 water water
#
_entity_poly.entity_id   1
_entity_poly.type   'polypeptide(L)'
_entity_poly.pdbx_seq_one_letter_code
;MGSSHHHHHHSSGLVPRGSEELQNKLEDVVIDRNLLILGRILGEGEFGSVMEGNLKQEDGTSLKVAVKTMKLDNSSQREI
EEFLSEAACMKDFSHPNVIRLLGVCIEMSSQGIPKPMVILPFMKYGDLHTYLLYSRLETGPRHIPLQTLLRFMVDIALGM
EYLSNRNFLHRDLAARNCMLRDDMTVCVADFGLSKKIYSGDYYRQGRIAKMPVKWIAIESLADRVYTSKSDVWAFGVTMW
EIATRGMTPYPGVQNHEMYDYLLHGHRLKQPEDCLDELYEIMYSCWRTDPLDRPTFSVLRLQLERLLESLPDV
;
_entity_poly.pdbx_strand_id   A,B
#
loop_
_chem_comp.id
_chem_comp.type
_chem_comp.name
_chem_comp.formula
YR7 non-polymer 2-(butylamino)-N-[1-(3-fluoropropyl)piperidin-4-yl]-4-{[(1r,4r)-4-hydroxycyclohexyl]amino}pyrimidine-5-carboxamide 'C23 H39 F N6 O2'
#
# COMPACT_ATOMS: atom_id res chain seq x y z
N LEU A 26 -30.21 -8.31 27.84
CA LEU A 26 -29.64 -8.14 26.52
C LEU A 26 -30.57 -8.65 25.40
N GLU A 27 -31.85 -8.27 25.49
CA GLU A 27 -32.83 -8.65 24.48
C GLU A 27 -33.41 -7.47 23.72
N ASP A 28 -33.15 -6.22 24.16
CA ASP A 28 -33.59 -5.05 23.40
C ASP A 28 -32.84 -4.91 22.08
N VAL A 29 -31.63 -5.46 21.99
CA VAL A 29 -30.78 -5.28 20.82
C VAL A 29 -31.04 -6.32 19.73
N VAL A 30 -31.61 -7.47 20.07
CA VAL A 30 -31.85 -8.52 19.09
C VAL A 30 -33.00 -8.13 18.17
N ILE A 31 -32.83 -8.36 16.88
CA ILE A 31 -33.87 -8.14 15.88
C ILE A 31 -34.13 -9.45 15.16
N ASP A 32 -35.40 -9.80 14.98
CA ASP A 32 -35.75 -11.03 14.31
C ASP A 32 -35.17 -11.07 12.89
N ARG A 33 -34.61 -12.22 12.52
CA ARG A 33 -33.95 -12.34 11.22
C ARG A 33 -34.90 -12.03 10.08
N ASN A 34 -36.17 -12.42 10.23
CA ASN A 34 -37.15 -12.25 9.16
C ASN A 34 -37.36 -10.79 8.77
N LEU A 35 -36.89 -9.84 9.57
CA LEU A 35 -36.98 -8.42 9.26
C LEU A 35 -35.78 -7.91 8.47
N LEU A 36 -34.96 -8.79 7.92
CA LEU A 36 -33.72 -8.41 7.28
C LEU A 36 -33.48 -9.22 6.02
N ILE A 37 -33.00 -8.56 4.98
CA ILE A 37 -32.60 -9.21 3.74
C ILE A 37 -31.21 -8.75 3.37
N LEU A 38 -30.39 -9.66 2.85
CA LEU A 38 -29.02 -9.37 2.49
C LEU A 38 -28.92 -8.97 1.02
N GLY A 39 -27.82 -8.30 0.69
CA GLY A 39 -27.57 -7.83 -0.66
C GLY A 39 -26.15 -8.15 -1.10
N ARG A 40 -25.53 -7.16 -1.74
CA ARG A 40 -24.19 -7.33 -2.31
C ARG A 40 -23.11 -7.21 -1.25
N ILE A 41 -22.01 -7.92 -1.46
CA ILE A 41 -20.88 -7.84 -0.55
C ILE A 41 -20.23 -6.47 -0.66
N LEU A 42 -20.11 -5.77 0.47
CA LEU A 42 -19.50 -4.46 0.51
C LEU A 42 -17.98 -4.54 0.61
N GLY A 43 -17.49 -5.27 1.61
CA GLY A 43 -16.07 -5.50 1.77
C GLY A 43 -15.81 -6.79 2.50
N GLU A 44 -14.61 -6.96 3.04
CA GLU A 44 -14.27 -8.13 3.85
C GLU A 44 -13.71 -7.64 5.17
N GLY A 45 -14.41 -7.95 6.26
CA GLY A 45 -14.03 -7.47 7.57
C GLY A 45 -13.71 -8.56 8.57
N GLU A 46 -12.46 -8.55 9.05
CA GLU A 46 -11.98 -9.46 10.09
C GLU A 46 -12.22 -10.92 9.73
N PHE A 47 -12.92 -11.63 10.62
CA PHE A 47 -13.38 -13.01 10.41
C PHE A 47 -14.80 -13.06 9.87
N GLY A 48 -15.09 -12.23 8.88
CA GLY A 48 -16.40 -12.30 8.28
C GLY A 48 -16.50 -11.44 7.04
N SER A 49 -17.73 -11.34 6.55
CA SER A 49 -18.06 -10.56 5.36
C SER A 49 -18.99 -9.42 5.74
N VAL A 50 -18.86 -8.30 5.03
CA VAL A 50 -19.70 -7.13 5.23
C VAL A 50 -20.53 -6.94 3.97
N MET A 51 -21.85 -7.00 4.12
CA MET A 51 -22.77 -6.92 3.00
C MET A 51 -23.78 -5.81 3.26
N GLU A 52 -24.55 -5.49 2.23
CA GLU A 52 -25.60 -4.49 2.31
C GLU A 52 -26.95 -5.18 2.49
N GLY A 53 -27.92 -4.41 2.97
CA GLY A 53 -29.24 -4.97 3.21
C GLY A 53 -30.21 -3.92 3.65
N ASN A 54 -31.46 -4.35 3.84
CA ASN A 54 -32.54 -3.50 4.29
C ASN A 54 -33.09 -4.05 5.60
N LEU A 55 -33.43 -3.16 6.52
CA LEU A 55 -33.96 -3.52 7.82
C LEU A 55 -35.29 -2.84 8.03
N LYS A 56 -36.33 -3.63 8.31
CA LYS A 56 -37.66 -3.11 8.55
C LYS A 56 -37.71 -2.47 9.94
N GLN A 57 -38.07 -1.19 10.00
CA GLN A 57 -38.09 -0.47 11.27
C GLN A 57 -39.45 -0.58 11.92
N GLU A 58 -39.57 -0.05 13.15
CA GLU A 58 -40.86 -0.06 13.83
C GLU A 58 -41.90 0.73 13.05
N ASP A 59 -41.48 1.84 12.44
CA ASP A 59 -42.35 2.73 11.67
C ASP A 59 -42.48 2.35 10.20
N GLY A 60 -42.53 1.06 9.88
CA GLY A 60 -42.75 0.62 8.51
C GLY A 60 -41.52 0.74 7.63
N THR A 61 -41.04 1.96 7.41
CA THR A 61 -39.94 2.23 6.50
C THR A 61 -38.78 1.25 6.70
N SER A 62 -38.21 0.78 5.59
CA SER A 62 -36.98 0.01 5.64
C SER A 62 -35.79 0.95 5.61
N LEU A 63 -34.62 0.42 5.93
CA LEU A 63 -33.41 1.22 6.04
C LEU A 63 -32.23 0.45 5.48
N LYS A 64 -31.44 1.12 4.64
CA LYS A 64 -30.18 0.55 4.18
C LYS A 64 -29.21 0.43 5.35
N VAL A 65 -28.68 -0.78 5.56
CA VAL A 65 -27.81 -1.07 6.70
C VAL A 65 -26.63 -1.90 6.23
N ALA A 66 -25.66 -2.06 7.13
CA ALA A 66 -24.51 -2.93 6.94
C ALA A 66 -24.55 -4.04 7.98
N VAL A 67 -24.20 -5.24 7.58
CA VAL A 67 -24.28 -6.41 8.45
C VAL A 67 -22.92 -7.12 8.46
N LYS A 68 -22.46 -7.48 9.64
CA LYS A 68 -21.23 -8.27 9.80
C LYS A 68 -21.61 -9.71 10.09
N THR A 69 -21.24 -10.60 9.18
CA THR A 69 -21.59 -12.01 9.26
C THR A 69 -20.34 -12.85 9.48
N MET A 70 -20.44 -13.87 10.33
CA MET A 70 -19.39 -14.87 10.47
C MET A 70 -19.41 -15.94 9.38
N ASN A 74 -16.53 -20.87 12.72
CA ASN A 74 -17.23 -20.35 13.88
C ASN A 74 -16.42 -20.57 15.17
N SER A 75 -15.53 -21.55 15.18
CA SER A 75 -14.60 -21.81 16.28
C SER A 75 -15.32 -21.92 17.63
N SER A 76 -16.20 -22.92 17.73
CA SER A 76 -16.96 -23.20 18.95
C SER A 76 -17.64 -21.92 19.44
N GLN A 77 -17.68 -21.71 20.75
CA GLN A 77 -18.18 -20.45 21.28
C GLN A 77 -17.04 -19.46 21.55
N ARG A 78 -15.90 -19.61 20.88
CA ARG A 78 -14.75 -18.73 21.10
C ARG A 78 -14.65 -17.62 20.06
N GLU A 79 -15.16 -17.85 18.85
CA GLU A 79 -15.28 -16.76 17.89
C GLU A 79 -16.67 -16.12 17.95
N ILE A 80 -17.69 -16.89 18.35
CA ILE A 80 -19.02 -16.33 18.55
C ILE A 80 -19.00 -15.30 19.66
N GLU A 81 -18.31 -15.61 20.77
CA GLU A 81 -18.30 -14.71 21.92
C GLU A 81 -17.53 -13.42 21.60
N GLU A 82 -16.28 -13.56 21.14
CA GLU A 82 -15.48 -12.38 20.81
C GLU A 82 -16.14 -11.50 19.75
N PHE A 83 -17.06 -12.07 18.97
CA PHE A 83 -17.80 -11.32 17.96
C PHE A 83 -19.02 -10.63 18.56
N LEU A 84 -19.74 -11.33 19.44
CA LEU A 84 -20.91 -10.80 20.11
C LEU A 84 -20.58 -10.16 21.45
N SER A 85 -19.29 -9.96 21.76
CA SER A 85 -18.88 -9.19 22.91
C SER A 85 -18.55 -7.75 22.57
N GLU A 86 -18.03 -7.49 21.37
CA GLU A 86 -17.98 -6.12 20.87
C GLU A 86 -19.37 -5.54 20.78
N ALA A 87 -20.34 -6.35 20.30
CA ALA A 87 -21.70 -5.85 20.14
C ALA A 87 -22.34 -5.54 21.48
N ALA A 88 -22.19 -6.44 22.45
CA ALA A 88 -22.83 -6.25 23.76
C ALA A 88 -22.27 -5.03 24.49
N CYS A 89 -21.05 -4.61 24.17
CA CYS A 89 -20.44 -3.44 24.79
C CYS A 89 -20.63 -2.17 23.95
N MET A 90 -20.42 -2.27 22.63
CA MET A 90 -20.60 -1.13 21.76
C MET A 90 -22.04 -0.60 21.79
N LYS A 91 -23.01 -1.47 22.10
CA LYS A 91 -24.42 -1.18 21.82
C LYS A 91 -24.86 0.14 22.44
N ASP A 92 -24.80 0.24 23.77
CA ASP A 92 -25.42 1.36 24.47
C ASP A 92 -24.46 2.54 24.59
N PHE A 93 -23.95 2.96 23.44
CA PHE A 93 -23.21 4.20 23.30
C PHE A 93 -24.05 5.18 22.49
N SER A 94 -23.82 6.48 22.72
CA SER A 94 -24.49 7.51 21.95
C SER A 94 -23.50 8.64 21.68
N HIS A 95 -23.18 8.85 20.41
CA HIS A 95 -22.34 9.95 19.97
C HIS A 95 -22.44 10.09 18.45
N PRO A 96 -22.39 11.30 17.91
CA PRO A 96 -22.46 11.45 16.45
C PRO A 96 -21.19 10.99 15.75
N ASN A 97 -20.04 11.17 16.37
CA ASN A 97 -18.77 10.79 15.77
C ASN A 97 -18.32 9.40 16.19
N VAL A 98 -19.18 8.64 16.85
CA VAL A 98 -19.01 7.22 17.08
C VAL A 98 -20.13 6.51 16.36
N ILE A 99 -19.79 5.47 15.59
CA ILE A 99 -20.83 4.72 14.90
C ILE A 99 -21.75 4.07 15.94
N ARG A 100 -23.02 4.00 15.61
CA ARG A 100 -24.03 3.45 16.51
C ARG A 100 -24.40 2.04 16.05
N LEU A 101 -24.98 1.28 16.97
CA LEU A 101 -25.41 -0.08 16.67
C LEU A 101 -26.93 -0.10 16.55
N LEU A 102 -27.43 -0.64 15.44
CA LEU A 102 -28.87 -0.69 15.22
C LEU A 102 -29.48 -2.01 15.67
N GLY A 103 -28.67 -3.02 15.89
CA GLY A 103 -29.17 -4.30 16.36
C GLY A 103 -28.24 -5.42 15.99
N VAL A 104 -28.39 -6.54 16.69
CA VAL A 104 -27.67 -7.77 16.37
C VAL A 104 -28.69 -8.84 16.03
N CYS A 105 -28.30 -9.74 15.13
CA CYS A 105 -29.20 -10.76 14.62
C CYS A 105 -28.50 -12.10 14.64
N ILE A 106 -29.30 -13.16 14.79
CA ILE A 106 -28.79 -14.52 14.92
C ILE A 106 -29.47 -15.39 13.87
N GLU A 107 -28.71 -15.84 12.89
CA GLU A 107 -29.17 -16.85 11.95
C GLU A 107 -28.98 -18.24 12.57
N MET A 108 -29.87 -19.16 12.19
CA MET A 108 -29.78 -20.56 12.65
C MET A 108 -30.40 -21.44 11.55
N SER A 109 -29.56 -21.86 10.60
CA SER A 109 -30.03 -22.40 9.33
C SER A 109 -29.32 -23.69 8.93
N SER A 110 -30.10 -24.62 8.35
CA SER A 110 -29.67 -25.70 7.46
C SER A 110 -29.14 -26.94 8.19
N GLN A 111 -27.96 -26.85 8.79
CA GLN A 111 -27.29 -27.98 9.41
C GLN A 111 -27.48 -28.02 10.93
N GLY A 112 -28.24 -27.08 11.51
CA GLY A 112 -28.31 -26.94 12.94
C GLY A 112 -27.16 -26.12 13.49
N ILE A 113 -26.93 -24.94 12.91
CA ILE A 113 -25.80 -24.10 13.25
C ILE A 113 -26.25 -22.66 13.41
N PRO A 114 -26.00 -22.02 14.56
CA PRO A 114 -26.32 -20.60 14.70
C PRO A 114 -25.21 -19.70 14.17
N LYS A 115 -25.62 -18.66 13.44
CA LYS A 115 -24.65 -17.73 12.89
C LYS A 115 -25.09 -16.32 13.24
N PRO A 116 -24.22 -15.48 13.78
CA PRO A 116 -24.64 -14.16 14.25
C PRO A 116 -24.37 -13.05 13.24
N MET A 117 -25.05 -11.93 13.46
CA MET A 117 -25.01 -10.80 12.56
C MET A 117 -25.13 -9.51 13.35
N VAL A 118 -24.45 -8.48 12.87
CA VAL A 118 -24.38 -7.17 13.54
C VAL A 118 -24.91 -6.13 12.56
N ILE A 119 -26.13 -5.66 12.80
CA ILE A 119 -26.72 -4.62 11.97
C ILE A 119 -26.03 -3.29 12.26
N LEU A 120 -25.19 -2.84 11.34
CA LEU A 120 -24.59 -1.53 11.46
C LEU A 120 -25.24 -0.58 10.46
N PRO A 121 -25.27 0.72 10.74
CA PRO A 121 -25.89 1.66 9.80
C PRO A 121 -25.09 1.79 8.52
N PHE A 122 -25.78 2.06 7.42
CA PHE A 122 -25.13 2.18 6.12
C PHE A 122 -24.47 3.54 5.92
N MET A 123 -23.32 3.53 5.26
CA MET A 123 -22.56 4.72 4.93
C MET A 123 -22.35 4.77 3.42
N LYS A 124 -22.91 5.77 2.76
CA LYS A 124 -22.72 5.68 1.32
C LYS A 124 -21.37 6.22 0.86
N TYR A 125 -20.43 6.53 1.76
CA TYR A 125 -19.12 6.98 1.32
C TYR A 125 -17.97 6.12 1.83
N GLY A 126 -18.24 4.92 2.34
CA GLY A 126 -17.19 4.02 2.76
C GLY A 126 -16.35 4.60 3.89
N ASP A 127 -15.16 4.04 4.04
CA ASP A 127 -14.23 4.48 5.08
C ASP A 127 -13.37 5.63 4.58
N LEU A 128 -12.76 6.33 5.55
CA LEU A 128 -12.01 7.53 5.22
C LEU A 128 -10.75 7.22 4.42
N HIS A 129 -10.10 6.09 4.73
CA HIS A 129 -8.86 5.72 4.05
C HIS A 129 -9.07 5.65 2.54
N THR A 130 -10.07 4.88 2.10
CA THR A 130 -10.31 4.73 0.67
C THR A 130 -10.75 6.03 0.04
N TYR A 131 -11.63 6.79 0.71
CA TYR A 131 -12.09 8.06 0.18
C TYR A 131 -10.94 9.06 0.07
N LEU A 132 -9.93 8.93 0.93
CA LEU A 132 -8.75 9.78 0.83
C LEU A 132 -8.01 9.55 -0.49
N LEU A 133 -7.86 8.29 -0.89
CA LEU A 133 -7.12 7.98 -2.10
C LEU A 133 -7.89 8.42 -3.35
N TYR A 134 -9.22 8.20 -3.35
CA TYR A 134 -10.02 8.61 -4.50
C TYR A 134 -9.91 10.10 -4.78
N SER A 135 -9.71 10.91 -3.74
CA SER A 135 -9.57 12.35 -3.94
C SER A 135 -8.42 12.67 -4.88
N ARG A 136 -7.47 11.74 -5.02
CA ARG A 136 -6.27 11.96 -5.82
C ARG A 136 -6.54 11.76 -7.29
N LEU A 137 -7.76 11.38 -7.63
CA LEU A 137 -8.10 11.02 -8.98
C LEU A 137 -9.15 11.98 -9.50
N GLU A 138 -9.21 12.11 -10.83
CA GLU A 138 -10.19 12.98 -11.45
C GLU A 138 -11.60 12.52 -11.10
N THR A 139 -11.90 11.24 -11.34
CA THR A 139 -13.24 10.73 -11.07
C THR A 139 -13.60 10.79 -9.60
N GLY A 140 -12.59 10.80 -8.72
CA GLY A 140 -12.84 10.92 -7.31
C GLY A 140 -13.23 12.33 -6.94
N PRO A 141 -13.56 12.52 -5.66
CA PRO A 141 -13.97 13.85 -5.18
C PRO A 141 -12.85 14.87 -5.36
N ARG A 142 -13.20 16.14 -5.14
CA ARG A 142 -12.26 17.22 -5.38
C ARG A 142 -11.07 17.15 -4.44
N HIS A 143 -10.02 17.87 -4.80
CA HIS A 143 -8.85 18.01 -3.95
C HIS A 143 -9.30 18.50 -2.59
N ILE A 144 -9.21 17.63 -1.57
CA ILE A 144 -9.73 17.94 -0.24
C ILE A 144 -8.85 19.00 0.39
N PRO A 145 -9.38 20.16 0.74
CA PRO A 145 -8.56 21.20 1.37
C PRO A 145 -8.26 20.85 2.82
N LEU A 146 -7.39 21.68 3.41
CA LEU A 146 -6.91 21.39 4.77
C LEU A 146 -8.06 21.44 5.77
N GLN A 147 -8.91 22.46 5.68
CA GLN A 147 -10.04 22.58 6.61
C GLN A 147 -10.87 21.31 6.63
N THR A 148 -11.22 20.80 5.45
CA THR A 148 -11.95 19.54 5.38
C THR A 148 -11.11 18.40 5.97
N LEU A 149 -9.83 18.36 5.63
CA LEU A 149 -8.95 17.33 6.20
C LEU A 149 -8.78 17.54 7.70
N LEU A 150 -8.57 18.79 8.13
CA LEU A 150 -8.49 19.08 9.55
C LEU A 150 -9.80 18.77 10.26
N ARG A 151 -10.93 18.97 9.56
CA ARG A 151 -12.24 18.70 10.15
C ARG A 151 -12.38 17.22 10.50
N PHE A 152 -12.01 16.34 9.56
CA PHE A 152 -12.07 14.91 9.83
C PHE A 152 -11.33 14.56 11.10
N MET A 153 -10.18 15.21 11.33
CA MET A 153 -9.42 14.98 12.55
C MET A 153 -10.22 15.39 13.78
N VAL A 154 -10.94 16.51 13.70
CA VAL A 154 -11.76 16.96 14.82
C VAL A 154 -12.82 15.92 15.15
N ASP A 155 -13.44 15.34 14.12
CA ASP A 155 -14.50 14.36 14.34
C ASP A 155 -13.98 13.14 15.08
N ILE A 156 -12.85 12.59 14.62
CA ILE A 156 -12.31 11.38 15.24
C ILE A 156 -11.98 11.63 16.70
N ALA A 157 -11.42 12.80 17.00
CA ALA A 157 -11.09 13.13 18.39
C ALA A 157 -12.36 13.18 19.24
N LEU A 158 -13.40 13.87 18.75
CA LEU A 158 -14.68 13.92 19.47
C LEU A 158 -15.15 12.54 19.88
N GLY A 159 -15.24 11.62 18.92
CA GLY A 159 -15.63 10.27 19.25
C GLY A 159 -14.64 9.56 20.15
N MET A 160 -13.34 9.73 19.86
CA MET A 160 -12.33 9.13 20.72
C MET A 160 -12.32 9.77 22.10
N GLU A 161 -12.69 11.05 22.18
CA GLU A 161 -12.88 11.67 23.49
C GLU A 161 -14.03 11.01 24.24
N TYR A 162 -15.12 10.68 23.52
CA TYR A 162 -16.28 10.06 24.16
C TYR A 162 -15.91 8.71 24.77
N LEU A 163 -15.42 7.78 23.95
CA LEU A 163 -15.02 6.48 24.47
C LEU A 163 -13.89 6.58 25.49
N SER A 164 -13.13 7.67 25.47
CA SER A 164 -12.11 7.89 26.50
C SER A 164 -12.76 8.17 27.85
N ASN A 165 -13.61 9.21 27.90
CA ASN A 165 -14.24 9.62 29.15
C ASN A 165 -15.11 8.54 29.78
N ARG A 166 -15.39 7.45 29.07
CA ARG A 166 -16.12 6.33 29.67
C ARG A 166 -15.34 5.02 29.56
N ASN A 167 -14.01 5.12 29.52
CA ASN A 167 -13.11 4.00 29.78
C ASN A 167 -13.30 2.87 28.76
N PHE A 168 -13.19 3.21 27.48
CA PHE A 168 -13.14 2.20 26.44
C PHE A 168 -11.90 2.38 25.59
N LEU A 169 -11.16 1.30 25.39
CA LEU A 169 -10.01 1.29 24.50
C LEU A 169 -10.44 0.76 23.14
N HIS A 170 -10.01 1.45 22.06
CA HIS A 170 -10.43 1.01 20.74
C HIS A 170 -9.60 -0.21 20.32
N ARG A 171 -8.30 -0.16 20.57
CA ARG A 171 -7.31 -1.20 20.27
C ARG A 171 -7.09 -1.37 18.77
N ASP A 172 -7.76 -0.60 17.91
CA ASP A 172 -7.54 -0.63 16.47
C ASP A 172 -8.07 0.65 15.86
N LEU A 173 -7.38 1.77 16.05
CA LEU A 173 -7.80 3.03 15.44
C LEU A 173 -6.95 3.28 14.22
N ALA A 174 -7.60 3.50 13.08
CA ALA A 174 -6.94 3.73 11.81
C ALA A 174 -7.98 4.20 10.82
N ALA A 175 -7.56 5.07 9.89
CA ALA A 175 -8.48 5.58 8.89
C ALA A 175 -9.19 4.46 8.13
N ARG A 176 -8.63 3.26 8.16
CA ARG A 176 -9.34 2.10 7.62
C ARG A 176 -10.63 1.84 8.39
N ASN A 177 -10.65 2.12 9.69
CA ASN A 177 -11.79 1.86 10.56
C ASN A 177 -12.51 3.14 10.96
N CYS A 178 -12.54 4.13 10.07
CA CYS A 178 -13.27 5.38 10.29
C CYS A 178 -14.11 5.66 9.04
N MET A 179 -15.38 5.28 9.10
CA MET A 179 -16.28 5.45 7.96
C MET A 179 -16.64 6.92 7.80
N LEU A 180 -17.20 7.24 6.63
CA LEU A 180 -17.53 8.62 6.29
C LEU A 180 -19.05 8.74 6.15
N ARG A 181 -19.65 9.61 6.95
CA ARG A 181 -21.10 9.78 6.96
CA ARG A 181 -21.10 9.78 6.94
C ARG A 181 -21.52 10.78 5.88
N ASP A 182 -22.73 10.54 5.34
CA ASP A 182 -23.28 11.34 4.24
C ASP A 182 -23.27 12.84 4.49
N ASP A 183 -23.28 13.27 5.74
CA ASP A 183 -23.11 14.68 6.07
C ASP A 183 -21.64 15.10 6.10
N MET A 184 -20.77 14.32 5.44
CA MET A 184 -19.32 14.52 5.49
C MET A 184 -18.82 14.59 6.94
N THR A 185 -19.32 13.69 7.77
CA THR A 185 -18.90 13.56 9.15
C THR A 185 -18.25 12.19 9.33
N VAL A 186 -17.21 12.13 10.15
CA VAL A 186 -16.50 10.87 10.35
C VAL A 186 -17.03 10.22 11.63
N CYS A 187 -17.00 8.89 11.64
CA CYS A 187 -17.34 8.12 12.83
C CYS A 187 -16.33 6.99 12.98
N VAL A 188 -16.16 6.53 14.22
CA VAL A 188 -15.21 5.46 14.55
C VAL A 188 -15.97 4.16 14.70
N ALA A 189 -15.35 3.05 14.27
CA ALA A 189 -16.06 1.78 14.17
C ALA A 189 -15.05 0.63 14.17
N ASP A 190 -15.55 -0.57 13.87
CA ASP A 190 -14.76 -1.80 13.75
C ASP A 190 -13.82 -1.97 14.95
N PHE A 191 -14.45 -2.15 16.12
CA PHE A 191 -13.71 -2.32 17.35
C PHE A 191 -13.00 -3.67 17.38
N PRO A 212 -1.43 -4.65 11.36
CA PRO A 212 -1.65 -3.34 11.95
C PRO A 212 -0.48 -2.90 12.83
N VAL A 213 0.64 -3.61 12.70
CA VAL A 213 1.78 -3.39 13.59
C VAL A 213 2.26 -1.95 13.53
N LYS A 214 2.15 -1.31 12.36
CA LYS A 214 2.60 0.07 12.22
C LYS A 214 1.77 1.04 13.04
N TRP A 215 0.68 0.59 13.67
CA TRP A 215 -0.18 1.43 14.48
C TRP A 215 -0.10 1.15 15.97
N ILE A 216 0.58 0.09 16.39
CA ILE A 216 0.67 -0.25 17.80
C ILE A 216 1.64 0.70 18.49
N ALA A 217 1.27 1.15 19.68
CA ALA A 217 2.17 1.97 20.48
C ALA A 217 3.37 1.16 20.92
N ILE A 218 4.49 1.86 21.16
CA ILE A 218 5.76 1.20 21.41
C ILE A 218 5.67 0.28 22.63
N GLU A 219 5.06 0.78 23.71
CA GLU A 219 4.97 -0.03 24.92
C GLU A 219 4.03 -1.21 24.74
N SER A 220 3.00 -1.07 23.89
CA SER A 220 2.05 -2.17 23.70
C SER A 220 2.66 -3.29 22.88
N LEU A 221 3.64 -2.97 22.03
CA LEU A 221 4.36 -4.02 21.31
C LEU A 221 5.11 -4.93 22.27
N ALA A 222 5.48 -4.41 23.44
CA ALA A 222 6.32 -5.14 24.37
C ALA A 222 5.50 -5.71 25.52
N ASP A 223 4.94 -4.82 26.35
CA ASP A 223 4.33 -5.23 27.60
C ASP A 223 2.90 -5.72 27.44
N ARG A 224 2.41 -5.82 26.20
CA ARG A 224 1.05 -6.28 25.90
C ARG A 224 0.00 -5.45 26.62
N VAL A 225 0.27 -4.16 26.77
CA VAL A 225 -0.54 -3.28 27.61
C VAL A 225 -1.13 -2.22 26.69
N TYR A 226 -2.41 -2.37 26.35
CA TYR A 226 -3.09 -1.38 25.53
C TYR A 226 -3.91 -0.51 26.47
N THR A 227 -3.71 0.80 26.41
CA THR A 227 -4.39 1.76 27.26
C THR A 227 -4.93 2.89 26.41
N SER A 228 -5.63 3.82 27.07
CA SER A 228 -6.20 4.96 26.37
C SER A 228 -5.15 5.81 25.69
N LYS A 229 -3.89 5.74 26.15
CA LYS A 229 -2.81 6.46 25.49
C LYS A 229 -2.25 5.69 24.30
N SER A 230 -2.40 4.36 24.31
CA SER A 230 -2.11 3.60 23.09
C SER A 230 -3.03 4.03 21.96
N ASP A 231 -4.29 4.37 22.28
CA ASP A 231 -5.18 4.99 21.31
C ASP A 231 -4.62 6.32 20.83
N VAL A 232 -4.15 7.16 21.76
CA VAL A 232 -3.61 8.46 21.41
C VAL A 232 -2.48 8.31 20.39
N TRP A 233 -1.68 7.26 20.54
CA TRP A 233 -0.67 6.94 19.53
C TRP A 233 -1.35 6.67 18.19
N ALA A 234 -2.29 5.74 18.16
CA ALA A 234 -2.94 5.35 16.91
C ALA A 234 -3.64 6.55 16.27
N PHE A 235 -4.29 7.38 17.06
CA PHE A 235 -4.92 8.57 16.51
C PHE A 235 -3.90 9.51 15.89
N GLY A 236 -2.67 9.49 16.41
CA GLY A 236 -1.61 10.29 15.81
C GLY A 236 -1.19 9.79 14.45
N VAL A 237 -1.06 8.47 14.30
CA VAL A 237 -0.74 7.90 12.99
C VAL A 237 -1.92 8.05 12.05
N THR A 238 -3.14 7.88 12.56
CA THR A 238 -4.32 8.16 11.76
C THR A 238 -4.36 9.62 11.33
N MET A 239 -3.86 10.52 12.17
CA MET A 239 -3.68 11.91 11.76
C MET A 239 -2.64 12.04 10.67
N TRP A 240 -1.65 11.14 10.65
CA TRP A 240 -0.67 11.13 9.57
C TRP A 240 -1.30 10.63 8.28
N GLU A 241 -1.97 9.48 8.34
CA GLU A 241 -2.68 8.92 7.20
C GLU A 241 -3.50 9.99 6.47
N ILE A 242 -4.26 10.78 7.23
CA ILE A 242 -5.15 11.76 6.63
C ILE A 242 -4.35 12.89 6.02
N ALA A 243 -3.27 13.33 6.67
CA ALA A 243 -2.48 14.44 6.16
C ALA A 243 -1.77 14.06 4.87
N THR A 244 -1.34 12.80 4.76
CA THR A 244 -0.71 12.34 3.52
C THR A 244 -1.73 12.10 2.41
N ARG A 245 -3.01 12.00 2.76
CA ARG A 245 -4.08 11.61 1.83
C ARG A 245 -3.95 10.15 1.42
N GLY A 246 -3.63 9.30 2.39
CA GLY A 246 -3.70 7.87 2.21
C GLY A 246 -2.39 7.10 2.10
N MET A 247 -1.25 7.69 2.48
CA MET A 247 0.01 6.98 2.40
C MET A 247 0.10 5.93 3.50
N THR A 248 0.62 4.76 3.13
CA THR A 248 0.89 3.74 4.12
C THR A 248 1.95 4.25 5.09
N PRO A 249 1.73 4.13 6.41
CA PRO A 249 2.67 4.72 7.37
C PRO A 249 4.04 4.06 7.35
N TYR A 250 5.05 4.85 7.76
CA TYR A 250 6.43 4.42 7.87
C TYR A 250 6.94 3.88 6.53
N PRO A 251 7.18 4.76 5.56
CA PRO A 251 7.62 4.29 4.24
C PRO A 251 9.10 3.97 4.26
N GLY A 252 9.46 2.83 3.66
CA GLY A 252 10.83 2.37 3.66
C GLY A 252 11.08 1.33 4.73
N VAL A 253 10.59 1.60 5.94
CA VAL A 253 10.72 0.67 7.05
C VAL A 253 9.64 -0.41 6.93
N GLN A 254 9.98 -1.61 7.35
CA GLN A 254 9.13 -2.77 7.21
C GLN A 254 8.61 -3.22 8.58
N ASN A 255 7.54 -4.03 8.55
CA ASN A 255 6.73 -4.25 9.74
C ASN A 255 7.54 -4.79 10.91
N HIS A 256 8.47 -5.71 10.64
CA HIS A 256 9.24 -6.28 11.75
C HIS A 256 10.23 -5.27 12.32
N GLU A 257 10.79 -4.41 11.47
CA GLU A 257 11.79 -3.43 11.89
C GLU A 257 11.22 -2.38 12.85
N MET A 258 9.91 -2.40 13.09
CA MET A 258 9.26 -1.24 13.68
C MET A 258 9.62 -1.04 15.15
N TYR A 259 9.81 -2.13 15.91
CA TYR A 259 10.10 -1.97 17.34
C TYR A 259 11.43 -1.28 17.55
N ASP A 260 12.50 -1.81 16.96
CA ASP A 260 13.79 -1.15 17.04
C ASP A 260 13.73 0.25 16.42
N TYR A 261 12.90 0.42 15.40
CA TYR A 261 12.74 1.73 14.78
C TYR A 261 12.21 2.76 15.77
N LEU A 262 11.33 2.33 16.68
CA LEU A 262 10.76 3.25 17.65
C LEU A 262 11.65 3.41 18.87
N LEU A 263 12.24 2.31 19.35
CA LEU A 263 13.05 2.37 20.57
C LEU A 263 14.29 3.25 20.41
N HIS A 264 14.67 3.57 19.17
CA HIS A 264 15.79 4.47 18.92
C HIS A 264 15.33 5.90 18.65
N GLY A 265 14.02 6.15 18.64
CA GLY A 265 13.52 7.50 18.54
C GLY A 265 13.14 7.96 17.15
N HIS A 266 12.63 7.07 16.31
CA HIS A 266 12.26 7.41 14.94
C HIS A 266 10.75 7.38 14.81
N ARG A 267 10.16 8.55 14.59
CA ARG A 267 8.72 8.70 14.37
C ARG A 267 8.47 9.15 12.93
N LEU A 268 7.20 9.36 12.61
CA LEU A 268 6.83 9.68 11.24
C LEU A 268 7.31 11.06 10.84
N LYS A 269 7.59 11.21 9.56
CA LYS A 269 8.16 12.45 9.03
C LYS A 269 7.06 13.49 8.80
N GLN A 270 7.48 14.74 8.77
CA GLN A 270 6.55 15.83 8.49
C GLN A 270 6.18 15.80 7.01
N PRO A 271 4.92 15.57 6.66
CA PRO A 271 4.56 15.45 5.24
C PRO A 271 4.68 16.79 4.51
N GLU A 272 4.58 16.71 3.19
CA GLU A 272 4.68 17.88 2.35
C GLU A 272 3.53 18.85 2.64
N ASP A 273 3.89 20.07 3.06
CA ASP A 273 2.96 21.17 3.28
C ASP A 273 1.97 20.90 4.41
N CYS A 274 2.28 19.97 5.30
CA CYS A 274 1.52 19.86 6.53
C CYS A 274 2.05 20.88 7.53
N LEU A 275 1.14 21.65 8.13
CA LEU A 275 1.52 22.78 8.96
C LEU A 275 2.43 22.35 10.11
N ASP A 276 3.22 23.30 10.60
CA ASP A 276 4.09 23.04 11.74
C ASP A 276 3.26 22.72 12.99
N GLU A 277 2.28 23.58 13.28
CA GLU A 277 1.43 23.36 14.45
C GLU A 277 0.71 22.02 14.38
N LEU A 278 0.35 21.58 13.17
CA LEU A 278 -0.37 20.32 13.03
C LEU A 278 0.54 19.12 13.25
N TYR A 279 1.79 19.19 12.77
CA TYR A 279 2.70 18.06 12.96
C TYR A 279 3.15 17.96 14.41
N GLU A 280 3.41 19.09 15.06
CA GLU A 280 3.78 19.04 16.47
C GLU A 280 2.62 18.52 17.33
N ILE A 281 1.38 18.64 16.84
CA ILE A 281 0.26 18.01 17.52
C ILE A 281 0.34 16.50 17.40
N MET A 282 0.44 15.98 16.17
CA MET A 282 0.50 14.54 15.98
C MET A 282 1.83 13.96 16.46
N TYR A 283 2.90 14.75 16.47
CA TYR A 283 4.14 14.30 17.09
C TYR A 283 3.95 14.15 18.59
N SER A 284 3.19 15.06 19.22
CA SER A 284 2.96 14.99 20.65
C SER A 284 2.20 13.75 21.07
N CYS A 285 1.43 13.14 20.16
CA CYS A 285 0.77 11.88 20.46
C CYS A 285 1.72 10.70 20.49
N TRP A 286 3.01 10.92 20.26
CA TRP A 286 3.95 9.83 20.05
C TRP A 286 5.06 9.77 21.09
N ARG A 287 5.09 10.69 22.05
CA ARG A 287 6.19 10.75 23.00
C ARG A 287 6.41 9.39 23.65
N THR A 288 7.68 9.08 23.93
CA THR A 288 8.07 7.75 24.37
C THR A 288 7.29 7.30 25.59
N ASP A 289 6.90 8.24 26.44
CA ASP A 289 6.21 7.91 27.68
C ASP A 289 4.73 8.22 27.56
N PRO A 290 3.85 7.28 27.91
CA PRO A 290 2.41 7.53 27.75
C PRO A 290 1.90 8.72 28.55
N LEU A 291 2.34 8.87 29.80
CA LEU A 291 1.81 9.94 30.65
C LEU A 291 2.22 11.32 30.17
N ASP A 292 3.29 11.43 29.39
CA ASP A 292 3.66 12.70 28.77
C ASP A 292 2.87 12.99 27.51
N ARG A 293 2.00 12.08 27.08
CA ARG A 293 1.17 12.31 25.90
C ARG A 293 -0.09 13.07 26.30
N PRO A 294 -0.48 14.10 25.55
CA PRO A 294 -1.76 14.75 25.79
C PRO A 294 -2.92 13.79 25.52
N THR A 295 -4.12 14.25 25.83
CA THR A 295 -5.32 13.42 25.77
C THR A 295 -6.22 13.84 24.62
N PHE A 296 -7.20 12.97 24.32
CA PHE A 296 -8.20 13.29 23.31
C PHE A 296 -8.92 14.59 23.64
N SER A 297 -9.23 14.82 24.92
CA SER A 297 -9.92 16.02 25.34
C SER A 297 -9.11 17.29 25.06
N VAL A 298 -7.79 17.17 24.99
CA VAL A 298 -6.91 18.29 24.70
C VAL A 298 -6.57 18.37 23.22
N LEU A 299 -6.32 17.21 22.60
CA LEU A 299 -6.04 17.17 21.16
C LEU A 299 -7.15 17.85 20.37
N ARG A 300 -8.40 17.59 20.75
CA ARG A 300 -9.54 18.12 20.02
C ARG A 300 -9.51 19.64 19.99
N LEU A 301 -9.29 20.28 21.15
CA LEU A 301 -9.33 21.73 21.21
C LEU A 301 -8.20 22.35 20.41
N GLN A 302 -6.98 21.83 20.57
CA GLN A 302 -5.86 22.31 19.76
C GLN A 302 -6.17 22.18 18.27
N LEU A 303 -6.80 21.08 17.87
CA LEU A 303 -7.26 20.95 16.50
C LEU A 303 -8.37 21.96 16.19
N GLU A 304 -9.38 22.01 17.06
CA GLU A 304 -10.46 22.99 16.88
C GLU A 304 -9.89 24.41 16.85
N ARG A 305 -8.88 24.68 17.68
CA ARG A 305 -8.22 25.97 17.65
C ARG A 305 -7.54 26.21 16.31
N LEU A 306 -6.78 25.23 15.83
CA LEU A 306 -6.00 25.39 14.62
C LEU A 306 -6.90 25.64 13.41
N LEU A 307 -8.03 24.93 13.34
CA LEU A 307 -8.93 25.10 12.20
C LEU A 307 -9.45 26.53 12.11
N GLU A 308 -9.82 27.12 13.25
CA GLU A 308 -10.32 28.48 13.26
C GLU A 308 -9.30 29.47 12.73
N SER A 309 -8.01 29.21 12.96
CA SER A 309 -6.96 30.13 12.52
C SER A 309 -6.79 30.18 11.01
N LEU A 310 -7.42 29.28 10.27
CA LEU A 310 -7.34 29.23 8.82
C LEU A 310 -8.51 29.97 8.18
N PRO A 311 -8.36 30.41 6.92
CA PRO A 311 -9.44 31.08 6.18
C PRO A 311 -10.62 30.17 5.86
N GLN B 23 28.97 -25.83 -19.41
CA GLN B 23 30.35 -26.27 -19.35
C GLN B 23 31.29 -25.30 -20.07
N ASN B 24 30.76 -24.61 -21.07
CA ASN B 24 31.61 -23.79 -21.93
C ASN B 24 32.03 -22.50 -21.24
N LYS B 25 31.07 -21.62 -20.95
CA LYS B 25 31.38 -20.33 -20.35
C LYS B 25 30.60 -20.11 -19.06
N LEU B 26 30.46 -21.17 -18.26
CA LEU B 26 29.86 -21.00 -16.93
C LEU B 26 30.73 -20.09 -16.07
N GLU B 27 32.05 -20.31 -16.09
CA GLU B 27 32.97 -19.51 -15.31
C GLU B 27 33.11 -18.08 -15.84
N ASP B 28 32.57 -17.79 -17.02
CA ASP B 28 32.45 -16.42 -17.47
C ASP B 28 31.44 -15.63 -16.66
N VAL B 29 30.64 -16.30 -15.83
CA VAL B 29 29.66 -15.63 -14.98
C VAL B 29 29.73 -16.06 -13.53
N VAL B 30 30.39 -17.18 -13.19
CA VAL B 30 30.54 -17.61 -11.82
C VAL B 30 31.79 -16.95 -11.23
N ILE B 31 31.66 -16.43 -10.01
CA ILE B 31 32.77 -15.86 -9.27
C ILE B 31 33.04 -16.74 -8.07
N ASP B 32 34.32 -16.96 -7.77
CA ASP B 32 34.68 -17.81 -6.65
C ASP B 32 34.08 -17.27 -5.35
N ARG B 33 33.62 -18.20 -4.50
CA ARG B 33 32.79 -17.81 -3.36
C ARG B 33 33.54 -16.90 -2.40
N ASN B 34 34.79 -17.24 -2.07
CA ASN B 34 35.54 -16.47 -1.10
C ASN B 34 35.85 -15.04 -1.57
N LEU B 35 35.58 -14.72 -2.83
CA LEU B 35 35.73 -13.37 -3.35
C LEU B 35 34.59 -12.45 -2.93
N LEU B 36 33.73 -12.90 -2.03
CA LEU B 36 32.52 -12.17 -1.66
C LEU B 36 32.25 -12.36 -0.18
N ILE B 37 31.91 -11.27 0.50
CA ILE B 37 31.59 -11.30 1.93
C ILE B 37 30.29 -10.54 2.14
N LEU B 38 29.35 -11.14 2.88
CA LEU B 38 28.02 -10.58 3.05
C LEU B 38 27.93 -9.76 4.34
N GLY B 39 26.91 -8.91 4.38
CA GLY B 39 26.63 -8.11 5.56
C GLY B 39 25.15 -7.88 5.79
N ARG B 40 24.79 -6.62 6.05
CA ARG B 40 23.43 -6.27 6.45
C ARG B 40 22.42 -6.62 5.37
N ILE B 41 21.27 -7.15 5.81
CA ILE B 41 20.20 -7.53 4.90
C ILE B 41 19.51 -6.27 4.39
N LEU B 42 19.34 -6.19 3.07
CA LEU B 42 18.64 -5.04 2.48
C LEU B 42 17.13 -5.24 2.49
N GLY B 43 16.67 -6.47 2.44
CA GLY B 43 15.24 -6.75 2.45
C GLY B 43 14.98 -8.19 2.10
N GLU B 44 13.70 -8.50 1.91
CA GLU B 44 13.31 -9.84 1.51
C GLU B 44 12.20 -9.81 0.46
N GLY B 45 12.24 -8.81 -0.43
CA GLY B 45 11.38 -8.83 -1.59
C GLY B 45 11.74 -9.99 -2.52
N GLU B 46 10.79 -10.32 -3.40
CA GLU B 46 10.88 -11.47 -4.29
C GLU B 46 10.98 -12.79 -3.53
N PHE B 47 10.77 -12.76 -2.21
CA PHE B 47 10.89 -13.92 -1.33
C PHE B 47 12.18 -14.70 -1.57
N GLY B 48 13.21 -13.98 -2.00
CA GLY B 48 14.58 -14.46 -1.98
C GLY B 48 15.43 -13.39 -1.34
N SER B 49 16.23 -13.75 -0.34
CA SER B 49 16.93 -12.76 0.46
C SER B 49 17.85 -11.89 -0.39
N VAL B 50 17.85 -10.60 -0.10
CA VAL B 50 18.74 -9.63 -0.74
C VAL B 50 19.58 -8.99 0.34
N MET B 51 20.90 -9.08 0.19
CA MET B 51 21.84 -8.63 1.21
C MET B 51 22.95 -7.81 0.57
N GLU B 52 23.63 -7.03 1.39
CA GLU B 52 24.76 -6.24 0.94
C GLU B 52 26.06 -7.03 1.10
N GLY B 53 27.11 -6.55 0.45
CA GLY B 53 28.38 -7.22 0.54
C GLY B 53 29.44 -6.53 -0.27
N ASN B 54 30.63 -7.13 -0.26
CA ASN B 54 31.79 -6.62 -0.98
C ASN B 54 32.31 -7.69 -1.93
N LEU B 55 32.62 -7.27 -3.15
CA LEU B 55 33.13 -8.17 -4.18
C LEU B 55 34.51 -7.72 -4.61
N LYS B 56 35.48 -8.63 -4.58
CA LYS B 56 36.86 -8.34 -4.94
C LYS B 56 37.01 -8.47 -6.44
N GLN B 57 37.15 -7.34 -7.13
CA GLN B 57 37.32 -7.34 -8.58
C GLN B 57 38.72 -7.84 -8.94
N GLU B 58 39.01 -7.84 -10.25
CA GLU B 58 40.36 -8.14 -10.70
C GLU B 58 41.31 -6.98 -10.49
N ASP B 59 40.78 -5.76 -10.31
CA ASP B 59 41.58 -4.57 -10.03
C ASP B 59 42.23 -4.61 -8.66
N GLY B 60 41.98 -5.64 -7.86
CA GLY B 60 42.37 -5.64 -6.46
C GLY B 60 41.49 -4.82 -5.56
N THR B 61 40.64 -3.97 -6.13
CA THR B 61 39.72 -3.14 -5.36
C THR B 61 38.44 -3.90 -5.08
N SER B 62 37.91 -3.74 -3.87
CA SER B 62 36.63 -4.32 -3.50
C SER B 62 35.50 -3.38 -3.89
N LEU B 63 34.36 -3.95 -4.23
CA LEU B 63 33.21 -3.20 -4.71
C LEU B 63 31.99 -3.50 -3.86
N LYS B 64 31.19 -2.46 -3.58
CA LYS B 64 29.92 -2.63 -2.90
C LYS B 64 28.90 -3.19 -3.87
N VAL B 65 28.33 -4.35 -3.53
CA VAL B 65 27.39 -5.04 -4.40
C VAL B 65 26.15 -5.40 -3.59
N ALA B 66 25.08 -5.72 -4.31
CA ALA B 66 23.85 -6.25 -3.73
C ALA B 66 23.72 -7.71 -4.16
N VAL B 67 23.65 -8.60 -3.18
CA VAL B 67 23.66 -10.04 -3.42
C VAL B 67 22.24 -10.56 -3.26
N LYS B 68 21.66 -11.04 -4.35
CA LYS B 68 20.29 -11.56 -4.37
C LYS B 68 20.36 -13.08 -4.24
N THR B 69 20.20 -13.55 -3.00
CA THR B 69 20.27 -14.98 -2.73
C THR B 69 18.95 -15.67 -3.06
N MET B 70 18.48 -15.55 -4.31
CA MET B 70 17.22 -16.16 -4.69
C MET B 70 17.42 -17.66 -4.89
N LYS B 71 16.71 -18.46 -4.10
CA LYS B 71 16.83 -19.91 -4.14
C LYS B 71 15.85 -20.49 -5.16
N LEU B 72 16.23 -21.62 -5.73
CA LEU B 72 15.46 -22.27 -6.77
C LEU B 72 14.57 -23.37 -6.18
N ASP B 73 13.57 -23.78 -6.98
CA ASP B 73 12.68 -24.86 -6.62
C ASP B 73 12.71 -25.99 -7.63
N ASN B 74 13.67 -25.97 -8.55
CA ASN B 74 13.91 -27.09 -9.47
C ASN B 74 15.42 -27.33 -9.44
N SER B 75 15.85 -28.26 -8.61
CA SER B 75 17.27 -28.51 -8.37
C SER B 75 17.86 -29.53 -9.33
N SER B 76 17.14 -29.88 -10.40
CA SER B 76 17.73 -30.65 -11.48
CA SER B 76 17.74 -30.66 -11.49
C SER B 76 18.86 -29.85 -12.11
N GLN B 77 20.02 -30.49 -12.30
CA GLN B 77 21.15 -29.80 -12.92
C GLN B 77 20.75 -29.18 -14.26
N ARG B 78 19.67 -29.68 -14.88
CA ARG B 78 19.07 -28.99 -16.01
C ARG B 78 18.72 -27.55 -15.65
N GLU B 79 17.80 -27.38 -14.70
CA GLU B 79 17.34 -26.04 -14.31
C GLU B 79 18.51 -25.16 -13.90
N ILE B 80 19.41 -25.69 -13.08
CA ILE B 80 20.53 -24.90 -12.55
C ILE B 80 21.44 -24.47 -13.68
N GLU B 81 21.79 -25.40 -14.58
CA GLU B 81 22.55 -25.01 -15.77
C GLU B 81 21.72 -24.08 -16.65
N GLU B 82 20.42 -24.36 -16.80
CA GLU B 82 19.52 -23.43 -17.46
C GLU B 82 19.48 -22.08 -16.74
N PHE B 83 19.67 -22.06 -15.42
CA PHE B 83 19.69 -20.80 -14.70
C PHE B 83 20.94 -19.98 -15.03
N LEU B 84 22.04 -20.64 -15.41
CA LEU B 84 23.30 -19.94 -15.62
C LEU B 84 23.36 -19.26 -16.98
N SER B 85 23.05 -20.00 -18.06
CA SER B 85 23.10 -19.41 -19.40
C SER B 85 22.17 -18.21 -19.51
N GLU B 86 21.04 -18.22 -18.81
CA GLU B 86 20.22 -17.02 -18.70
C GLU B 86 21.01 -15.89 -18.05
N ALA B 87 21.58 -16.15 -16.89
CA ALA B 87 22.44 -15.17 -16.24
C ALA B 87 23.63 -14.83 -17.13
N ALA B 88 24.24 -15.84 -17.76
CA ALA B 88 25.32 -15.58 -18.71
C ALA B 88 24.85 -14.69 -19.85
N CYS B 89 23.58 -14.79 -20.24
CA CYS B 89 23.04 -13.89 -21.26
C CYS B 89 22.77 -12.50 -20.69
N MET B 90 22.33 -12.43 -19.43
CA MET B 90 22.08 -11.16 -18.75
C MET B 90 23.34 -10.32 -18.59
N LYS B 91 24.51 -10.96 -18.42
CA LYS B 91 25.72 -10.19 -18.14
C LYS B 91 26.15 -9.34 -19.33
N ASP B 92 25.92 -9.81 -20.55
CA ASP B 92 26.40 -9.11 -21.73
C ASP B 92 25.64 -7.81 -22.00
N PHE B 93 24.53 -7.57 -21.34
CA PHE B 93 23.84 -6.30 -21.46
C PHE B 93 24.70 -5.18 -20.88
N SER B 94 24.70 -4.03 -21.54
CA SER B 94 25.50 -2.90 -21.09
C SER B 94 24.80 -1.60 -21.48
N HIS B 95 23.57 -1.42 -21.02
CA HIS B 95 22.83 -0.19 -21.25
C HIS B 95 22.71 0.60 -19.97
N PRO B 96 22.87 1.93 -20.02
CA PRO B 96 22.81 2.73 -18.78
C PRO B 96 21.47 2.65 -18.07
N ASN B 97 20.40 2.28 -18.77
CA ASN B 97 19.08 2.16 -18.17
C ASN B 97 18.73 0.72 -17.84
N VAL B 98 19.70 -0.20 -17.90
CA VAL B 98 19.50 -1.59 -17.52
C VAL B 98 20.64 -1.98 -16.58
N ILE B 99 20.29 -2.60 -15.45
CA ILE B 99 21.29 -2.99 -14.47
C ILE B 99 22.24 -4.02 -15.07
N ARG B 100 23.43 -4.12 -14.48
CA ARG B 100 24.43 -5.07 -14.92
C ARG B 100 24.43 -6.28 -13.99
N LEU B 101 24.64 -7.46 -14.56
CA LEU B 101 24.86 -8.66 -13.78
C LEU B 101 26.37 -8.81 -13.59
N LEU B 102 26.86 -8.43 -12.40
CA LEU B 102 28.27 -8.58 -12.11
C LEU B 102 28.69 -10.04 -12.17
N GLY B 103 27.84 -10.92 -11.67
CA GLY B 103 28.14 -12.34 -11.69
C GLY B 103 27.22 -13.08 -10.74
N VAL B 104 27.46 -14.39 -10.65
CA VAL B 104 26.74 -15.25 -9.72
C VAL B 104 27.75 -16.14 -9.01
N CYS B 105 27.31 -16.72 -7.90
CA CYS B 105 28.10 -17.70 -7.17
C CYS B 105 27.16 -18.60 -6.39
N ILE B 106 27.69 -19.74 -5.95
CA ILE B 106 26.90 -20.77 -5.29
C ILE B 106 27.56 -21.12 -3.96
N GLU B 107 26.75 -21.35 -2.94
CA GLU B 107 27.25 -21.80 -1.64
C GLU B 107 26.54 -23.08 -1.20
N PRO B 114 23.20 -26.57 -3.26
CA PRO B 114 23.00 -25.54 -4.28
C PRO B 114 22.34 -24.28 -3.72
N LYS B 115 23.13 -23.23 -3.50
CA LYS B 115 22.64 -21.95 -3.01
C LYS B 115 22.91 -20.89 -4.08
N PRO B 116 22.01 -20.72 -5.05
CA PRO B 116 22.25 -19.77 -6.14
C PRO B 116 22.15 -18.32 -5.69
N MET B 117 23.25 -17.59 -5.83
CA MET B 117 23.33 -16.18 -5.47
C MET B 117 23.65 -15.34 -6.69
N VAL B 118 23.08 -14.15 -6.75
CA VAL B 118 23.21 -13.25 -7.89
C VAL B 118 23.78 -11.93 -7.41
N ILE B 119 24.83 -11.46 -8.09
CA ILE B 119 25.58 -10.27 -7.69
C ILE B 119 25.16 -9.11 -8.58
N LEU B 120 24.72 -8.02 -7.96
CA LEU B 120 24.29 -6.82 -8.66
C LEU B 120 24.93 -5.60 -8.03
N PRO B 121 25.10 -4.52 -8.79
CA PRO B 121 25.73 -3.32 -8.24
C PRO B 121 24.89 -2.74 -7.10
N PHE B 122 25.54 -1.99 -6.22
CA PHE B 122 24.87 -1.45 -5.04
C PHE B 122 24.34 -0.05 -5.37
N MET B 123 23.01 0.08 -5.35
CA MET B 123 22.33 1.33 -5.63
C MET B 123 22.28 2.18 -4.37
N LYS B 124 23.03 3.28 -4.36
CA LYS B 124 23.08 4.11 -3.16
C LYS B 124 21.72 4.73 -2.86
N TYR B 125 20.87 4.89 -3.87
CA TYR B 125 19.54 5.47 -3.68
C TYR B 125 18.40 4.46 -3.68
N GLY B 126 18.65 3.18 -3.99
CA GLY B 126 17.60 2.21 -3.83
C GLY B 126 16.50 2.29 -4.88
N ASP B 127 15.37 1.66 -4.57
CA ASP B 127 14.27 1.53 -5.52
C ASP B 127 13.58 2.88 -5.74
N LEU B 128 13.09 3.08 -6.96
CA LEU B 128 12.39 4.33 -7.28
C LEU B 128 11.08 4.45 -6.52
N HIS B 129 10.43 3.33 -6.23
CA HIS B 129 9.14 3.37 -5.55
C HIS B 129 9.23 4.07 -4.20
N THR B 130 10.30 3.79 -3.45
CA THR B 130 10.45 4.40 -2.13
C THR B 130 10.96 5.84 -2.23
N TYR B 131 11.80 6.14 -3.21
CA TYR B 131 12.22 7.51 -3.44
C TYR B 131 11.01 8.40 -3.77
N LEU B 132 10.02 7.82 -4.46
CA LEU B 132 8.79 8.55 -4.75
C LEU B 132 8.09 8.99 -3.48
N LEU B 133 8.01 8.09 -2.49
CA LEU B 133 7.31 8.42 -1.25
C LEU B 133 8.07 9.44 -0.44
N TYR B 134 9.39 9.33 -0.39
CA TYR B 134 10.18 10.29 0.37
C TYR B 134 10.06 11.70 -0.19
N SER B 135 9.76 11.83 -1.48
CA SER B 135 9.52 13.16 -2.04
C SER B 135 8.28 13.81 -1.43
N ARG B 136 7.41 13.01 -0.82
CA ARG B 136 6.20 13.49 -0.16
C ARG B 136 6.47 13.96 1.27
N LEU B 137 7.66 13.65 1.80
CA LEU B 137 8.07 14.02 3.14
C LEU B 137 9.21 15.04 3.05
N GLU B 138 9.35 15.86 4.10
CA GLU B 138 10.34 16.92 4.04
C GLU B 138 11.76 16.39 4.16
N THR B 139 12.02 15.48 5.08
CA THR B 139 13.38 14.99 5.29
C THR B 139 13.92 14.31 4.04
N GLY B 140 13.06 13.87 3.13
CA GLY B 140 13.49 13.28 1.90
C GLY B 140 13.75 14.31 0.83
N PRO B 141 13.64 13.90 -0.43
CA PRO B 141 13.94 14.80 -1.54
C PRO B 141 12.97 15.98 -1.59
N ARG B 142 13.27 16.89 -2.52
CA ARG B 142 12.38 18.00 -2.82
C ARG B 142 11.14 17.46 -3.55
N HIS B 143 10.18 18.34 -3.81
CA HIS B 143 9.03 17.98 -4.62
C HIS B 143 9.50 17.71 -6.05
N ILE B 144 9.40 16.46 -6.49
CA ILE B 144 9.82 16.08 -7.84
C ILE B 144 8.94 16.79 -8.86
N PRO B 145 9.50 17.64 -9.71
CA PRO B 145 8.68 18.31 -10.72
C PRO B 145 8.29 17.34 -11.83
N LEU B 146 7.47 17.84 -12.75
CA LEU B 146 6.97 17.00 -13.83
C LEU B 146 8.11 16.50 -14.72
N GLN B 147 9.02 17.39 -15.08
CA GLN B 147 10.09 17.04 -16.02
C GLN B 147 10.99 15.95 -15.47
N THR B 148 11.25 15.96 -14.15
CA THR B 148 12.01 14.87 -13.56
C THR B 148 11.18 13.61 -13.44
N LEU B 149 9.86 13.75 -13.31
CA LEU B 149 8.99 12.58 -13.29
C LEU B 149 8.98 11.90 -14.66
N LEU B 150 8.90 12.69 -15.74
CA LEU B 150 8.90 12.13 -17.08
C LEU B 150 10.25 11.50 -17.42
N ARG B 151 11.35 12.10 -16.92
CA ARG B 151 12.68 11.53 -17.16
C ARG B 151 12.77 10.11 -16.62
N PHE B 152 12.10 9.84 -15.51
CA PHE B 152 12.05 8.48 -14.97
C PHE B 152 11.43 7.54 -15.98
N MET B 153 10.27 7.91 -16.53
CA MET B 153 9.59 7.08 -17.51
C MET B 153 10.42 6.92 -18.77
N VAL B 154 11.00 8.02 -19.26
CA VAL B 154 11.86 7.97 -20.44
C VAL B 154 12.95 6.92 -20.23
N ASP B 155 13.56 6.90 -19.05
CA ASP B 155 14.61 5.95 -18.75
C ASP B 155 14.08 4.52 -18.78
N ILE B 156 12.97 4.27 -18.09
CA ILE B 156 12.41 2.91 -18.02
C ILE B 156 12.08 2.41 -19.41
N ALA B 157 11.48 3.27 -20.24
CA ALA B 157 11.22 2.88 -21.63
C ALA B 157 12.53 2.61 -22.37
N LEU B 158 13.54 3.45 -22.16
CA LEU B 158 14.84 3.25 -22.78
C LEU B 158 15.44 1.92 -22.37
N GLY B 159 15.24 1.52 -21.11
CA GLY B 159 15.72 0.22 -20.67
C GLY B 159 14.87 -0.92 -21.19
N MET B 160 13.54 -0.72 -21.23
CA MET B 160 12.67 -1.76 -21.75
C MET B 160 12.86 -1.92 -23.25
N GLU B 161 13.10 -0.81 -23.97
CA GLU B 161 13.45 -0.90 -25.38
C GLU B 161 14.66 -1.81 -25.59
N TYR B 162 15.67 -1.66 -24.73
CA TYR B 162 16.86 -2.50 -24.82
C TYR B 162 16.51 -3.97 -24.74
N LEU B 163 15.83 -4.37 -23.66
CA LEU B 163 15.45 -5.77 -23.50
C LEU B 163 14.37 -6.19 -24.50
N SER B 164 13.64 -5.23 -25.06
CA SER B 164 12.72 -5.52 -26.15
C SER B 164 13.42 -5.50 -27.51
N ASN B 165 14.68 -5.04 -27.57
CA ASN B 165 15.52 -5.24 -28.75
C ASN B 165 16.28 -6.55 -28.69
N ARG B 166 16.03 -7.37 -27.65
CA ARG B 166 16.76 -8.60 -27.40
C ARG B 166 15.84 -9.74 -26.96
N ASN B 167 14.52 -9.55 -27.09
CA ASN B 167 13.53 -10.57 -26.77
C ASN B 167 13.65 -11.06 -25.33
N PHE B 168 14.12 -10.19 -24.45
CA PHE B 168 14.14 -10.45 -23.02
C PHE B 168 12.82 -10.00 -22.41
N LEU B 169 12.27 -10.83 -21.53
CA LEU B 169 11.00 -10.54 -20.87
C LEU B 169 11.26 -10.25 -19.40
N HIS B 170 11.00 -9.01 -18.99
CA HIS B 170 11.23 -8.61 -17.61
C HIS B 170 10.30 -9.36 -16.66
N ARG B 171 9.03 -9.48 -17.04
CA ARG B 171 8.03 -10.27 -16.31
C ARG B 171 7.70 -9.69 -14.94
N ASP B 172 8.49 -8.73 -14.46
CA ASP B 172 8.32 -8.22 -13.10
C ASP B 172 8.50 -6.72 -13.04
N LEU B 173 8.08 -6.00 -14.07
CA LEU B 173 8.27 -4.55 -14.10
C LEU B 173 7.34 -3.89 -13.10
N ALA B 174 7.92 -3.22 -12.11
CA ALA B 174 7.19 -2.46 -11.11
C ALA B 174 8.15 -1.45 -10.51
N ALA B 175 7.59 -0.32 -10.04
CA ALA B 175 8.43 0.79 -9.59
C ALA B 175 9.38 0.38 -8.47
N ARG B 176 9.08 -0.69 -7.73
CA ARG B 176 9.99 -1.20 -6.73
C ARG B 176 11.05 -2.13 -7.31
N ASN B 177 11.05 -2.34 -8.64
CA ASN B 177 12.07 -3.11 -9.33
C ASN B 177 12.81 -2.22 -10.33
N CYS B 178 12.93 -0.92 -10.02
CA CYS B 178 13.61 0.06 -10.87
C CYS B 178 14.46 0.92 -9.92
N MET B 179 15.63 0.41 -9.55
CA MET B 179 16.52 1.10 -8.63
C MET B 179 16.96 2.44 -9.20
N LEU B 180 17.51 3.28 -8.32
CA LEU B 180 17.95 4.62 -8.70
C LEU B 180 19.47 4.69 -8.71
N ARG B 181 20.02 5.16 -9.82
CA ARG B 181 21.45 5.25 -10.03
C ARG B 181 21.93 6.58 -9.49
N ASP B 182 23.16 6.62 -8.98
CA ASP B 182 23.70 7.81 -8.33
C ASP B 182 23.63 9.07 -9.18
N ASP B 183 23.39 8.93 -10.47
CA ASP B 183 23.18 10.08 -11.34
C ASP B 183 21.72 10.52 -11.38
N MET B 184 20.91 10.04 -10.43
CA MET B 184 19.46 10.26 -10.45
C MET B 184 18.84 9.83 -11.77
N THR B 185 19.32 8.71 -12.30
CA THR B 185 18.84 8.14 -13.55
C THR B 185 18.43 6.69 -13.27
N VAL B 186 17.16 6.37 -13.50
CA VAL B 186 16.65 5.06 -13.12
C VAL B 186 17.21 3.99 -14.05
N CYS B 187 17.34 2.77 -13.54
CA CYS B 187 17.69 1.60 -14.33
C CYS B 187 16.90 0.39 -13.82
N VAL B 188 16.35 -0.38 -14.76
CA VAL B 188 15.49 -1.52 -14.42
C VAL B 188 16.29 -2.64 -13.78
N ALA B 189 15.60 -3.59 -13.16
CA ALA B 189 16.25 -4.65 -12.39
C ALA B 189 15.31 -5.83 -12.23
N ASP B 190 15.78 -6.86 -11.50
CA ASP B 190 14.99 -8.00 -11.05
C ASP B 190 14.41 -8.78 -12.24
N PHE B 191 15.28 -9.28 -13.12
CA PHE B 191 14.79 -10.15 -14.17
C PHE B 191 15.31 -11.58 -14.07
N GLY B 192 15.90 -11.97 -12.94
CA GLY B 192 16.35 -13.33 -12.70
C GLY B 192 15.33 -14.42 -12.95
N PRO B 212 1.64 -10.23 -7.20
CA PRO B 212 1.66 -8.95 -7.90
C PRO B 212 0.61 -8.89 -9.01
N VAL B 213 -0.61 -9.30 -8.69
CA VAL B 213 -1.67 -9.40 -9.69
C VAL B 213 -1.98 -8.04 -10.30
N LYS B 214 -1.75 -6.96 -9.56
CA LYS B 214 -2.16 -5.64 -10.03
C LYS B 214 -1.37 -5.18 -11.24
N TRP B 215 -0.11 -5.60 -11.36
CA TRP B 215 0.70 -5.26 -12.52
C TRP B 215 0.60 -6.30 -13.63
N ILE B 216 0.11 -7.50 -13.32
CA ILE B 216 0.02 -8.55 -14.33
C ILE B 216 -0.99 -8.16 -15.40
N ALA B 217 -0.59 -8.31 -16.66
CA ALA B 217 -1.49 -8.02 -17.77
C ALA B 217 -2.69 -8.96 -17.76
N ILE B 218 -3.80 -8.47 -18.30
CA ILE B 218 -5.04 -9.25 -18.28
C ILE B 218 -4.88 -10.53 -19.08
N GLU B 219 -4.02 -10.52 -20.12
CA GLU B 219 -3.79 -11.73 -20.91
C GLU B 219 -3.20 -12.84 -20.04
N SER B 220 -2.15 -12.52 -19.28
CA SER B 220 -1.52 -13.51 -18.42
C SER B 220 -2.42 -13.95 -17.28
N LEU B 221 -3.46 -13.17 -16.96
CA LEU B 221 -4.41 -13.60 -15.94
C LEU B 221 -5.26 -14.77 -16.40
N ALA B 222 -5.28 -15.04 -17.70
CA ALA B 222 -6.11 -16.09 -18.25
C ALA B 222 -5.30 -17.18 -18.92
N ASP B 223 -4.64 -16.88 -20.03
CA ASP B 223 -3.83 -17.87 -20.75
C ASP B 223 -2.45 -18.09 -20.14
N ARG B 224 -2.05 -17.25 -19.19
CA ARG B 224 -0.75 -17.25 -18.51
C ARG B 224 0.39 -16.89 -19.47
N VAL B 225 0.09 -16.65 -20.75
CA VAL B 225 1.08 -16.20 -21.70
C VAL B 225 1.55 -14.80 -21.31
N TYR B 226 2.82 -14.52 -21.60
CA TYR B 226 3.40 -13.23 -21.20
C TYR B 226 4.46 -12.88 -22.25
N THR B 227 4.06 -12.04 -23.22
CA THR B 227 4.94 -11.63 -24.29
C THR B 227 5.58 -10.28 -23.95
N SER B 228 6.27 -9.69 -24.93
CA SER B 228 6.86 -8.37 -24.72
C SER B 228 5.80 -7.31 -24.52
N LYS B 229 4.66 -7.45 -25.19
CA LYS B 229 3.56 -6.52 -25.00
C LYS B 229 2.94 -6.62 -23.62
N SER B 230 3.17 -7.73 -22.90
CA SER B 230 2.70 -7.83 -21.53
C SER B 230 3.43 -6.83 -20.63
N ASP B 231 4.71 -6.59 -20.91
CA ASP B 231 5.45 -5.58 -20.17
C ASP B 231 4.87 -4.19 -20.37
N VAL B 232 4.30 -3.92 -21.55
CA VAL B 232 3.68 -2.62 -21.79
C VAL B 232 2.57 -2.38 -20.77
N TRP B 233 1.80 -3.41 -20.46
CA TRP B 233 0.79 -3.30 -19.41
C TRP B 233 1.42 -2.93 -18.07
N ALA B 234 2.55 -3.57 -17.74
CA ALA B 234 3.26 -3.24 -16.51
C ALA B 234 3.83 -1.84 -16.56
N PHE B 235 4.48 -1.50 -17.67
CA PHE B 235 5.05 -0.16 -17.84
C PHE B 235 3.99 0.92 -17.67
N GLY B 236 2.76 0.64 -18.13
CA GLY B 236 1.69 1.60 -17.95
C GLY B 236 1.33 1.79 -16.49
N VAL B 237 1.21 0.69 -15.75
CA VAL B 237 0.98 0.80 -14.31
C VAL B 237 2.14 1.51 -13.63
N THR B 238 3.36 1.19 -14.03
CA THR B 238 4.53 1.87 -13.49
C THR B 238 4.49 3.36 -13.81
N MET B 239 3.96 3.74 -14.98
CA MET B 239 3.71 5.15 -15.26
C MET B 239 2.70 5.71 -14.27
N TRP B 240 1.57 5.02 -14.09
CA TRP B 240 0.61 5.40 -13.06
C TRP B 240 1.24 5.41 -11.68
N GLU B 241 2.03 4.38 -11.37
CA GLU B 241 2.67 4.26 -10.06
C GLU B 241 3.60 5.42 -9.75
N ILE B 242 3.98 6.21 -10.75
CA ILE B 242 4.88 7.33 -10.57
C ILE B 242 4.14 8.67 -10.59
N ALA B 243 3.15 8.81 -11.48
CA ALA B 243 2.36 10.03 -11.49
C ALA B 243 1.61 10.23 -10.18
N THR B 244 1.27 9.14 -9.50
CA THR B 244 0.64 9.23 -8.19
C THR B 244 1.64 9.35 -7.05
N ARG B 245 2.94 9.36 -7.36
CA ARG B 245 4.00 9.47 -6.36
C ARG B 245 3.93 8.31 -5.35
N GLY B 246 3.65 7.12 -5.85
CA GLY B 246 3.77 5.92 -5.06
C GLY B 246 2.46 5.29 -4.59
N MET B 247 1.32 5.76 -5.08
CA MET B 247 0.05 5.15 -4.69
C MET B 247 -0.02 3.72 -5.19
N THR B 248 -0.51 2.82 -4.34
CA THR B 248 -0.77 1.46 -4.76
C THR B 248 -1.82 1.47 -5.88
N PRO B 249 -1.66 0.66 -6.91
CA PRO B 249 -2.64 0.65 -8.00
C PRO B 249 -4.01 0.17 -7.54
N TYR B 250 -5.05 0.68 -8.21
CA TYR B 250 -6.42 0.24 -8.07
C TYR B 250 -6.90 0.33 -6.63
N PRO B 251 -7.07 1.53 -6.10
CA PRO B 251 -7.64 1.66 -4.75
C PRO B 251 -9.10 1.23 -4.76
N GLY B 252 -9.53 0.64 -3.64
CA GLY B 252 -10.86 0.06 -3.55
C GLY B 252 -10.99 -1.32 -4.15
N VAL B 253 -10.01 -1.78 -4.91
CA VAL B 253 -10.04 -3.10 -5.53
C VAL B 253 -9.13 -4.02 -4.75
N GLN B 254 -9.67 -5.15 -4.30
CA GLN B 254 -8.88 -6.22 -3.71
C GLN B 254 -8.37 -7.13 -4.83
N ASN B 255 -7.20 -7.75 -4.59
CA ASN B 255 -6.48 -8.41 -5.68
C ASN B 255 -7.33 -9.46 -6.39
N HIS B 256 -8.08 -10.25 -5.63
CA HIS B 256 -8.95 -11.25 -6.25
C HIS B 256 -9.97 -10.60 -7.18
N GLU B 257 -10.41 -9.39 -6.87
CA GLU B 257 -11.36 -8.67 -7.70
C GLU B 257 -10.73 -8.07 -8.94
N MET B 258 -9.39 -8.12 -9.05
CA MET B 258 -8.72 -7.40 -10.14
C MET B 258 -9.02 -8.00 -11.50
N TYR B 259 -9.06 -9.34 -11.61
CA TYR B 259 -9.28 -9.96 -12.91
C TYR B 259 -10.62 -9.53 -13.50
N ASP B 260 -11.72 -9.75 -12.75
CA ASP B 260 -13.04 -9.39 -13.26
C ASP B 260 -13.18 -7.88 -13.39
N TYR B 261 -12.42 -7.12 -12.60
CA TYR B 261 -12.41 -5.67 -12.74
C TYR B 261 -11.81 -5.25 -14.08
N LEU B 262 -10.72 -5.93 -14.48
CA LEU B 262 -10.13 -5.66 -15.79
C LEU B 262 -11.03 -6.16 -16.92
N LEU B 263 -11.77 -7.24 -16.69
CA LEU B 263 -12.59 -7.81 -17.75
C LEU B 263 -13.66 -6.85 -18.24
N HIS B 264 -14.25 -6.06 -17.34
CA HIS B 264 -15.34 -5.17 -17.72
C HIS B 264 -14.83 -3.86 -18.34
N GLY B 265 -13.55 -3.79 -18.68
CA GLY B 265 -12.98 -2.58 -19.23
C GLY B 265 -12.82 -1.49 -18.19
N HIS B 266 -12.32 -1.83 -17.02
CA HIS B 266 -12.07 -0.87 -15.95
C HIS B 266 -10.57 -0.71 -15.77
N ARG B 267 -10.07 0.50 -16.03
CA ARG B 267 -8.66 0.79 -15.96
C ARG B 267 -8.41 1.84 -14.89
N LEU B 268 -7.13 2.05 -14.58
CA LEU B 268 -6.77 3.06 -13.61
C LEU B 268 -7.28 4.43 -14.04
N LYS B 269 -7.64 5.24 -13.07
CA LYS B 269 -8.23 6.55 -13.34
C LYS B 269 -7.14 7.60 -13.51
N GLN B 270 -7.50 8.70 -14.16
CA GLN B 270 -6.55 9.77 -14.40
C GLN B 270 -6.16 10.44 -13.08
N PRO B 271 -4.89 10.43 -12.70
CA PRO B 271 -4.50 11.07 -11.44
C PRO B 271 -4.76 12.56 -11.47
N GLU B 272 -5.00 13.12 -10.29
CA GLU B 272 -5.21 14.56 -10.14
C GLU B 272 -4.02 15.33 -10.71
N ASP B 273 -4.34 16.33 -11.55
CA ASP B 273 -3.35 17.24 -12.13
C ASP B 273 -2.32 16.51 -12.98
N CYS B 274 -2.69 15.38 -13.57
CA CYS B 274 -1.86 14.71 -14.56
C CYS B 274 -2.19 15.23 -15.94
N LEU B 275 -1.15 15.47 -16.74
CA LEU B 275 -1.36 15.97 -18.10
C LEU B 275 -2.28 15.04 -18.88
N ASP B 276 -3.22 15.64 -19.62
CA ASP B 276 -4.21 14.84 -20.34
C ASP B 276 -3.54 13.96 -21.39
N GLU B 277 -2.55 14.50 -22.10
CA GLU B 277 -1.84 13.69 -23.09
C GLU B 277 -1.05 12.56 -22.43
N LEU B 278 -0.54 12.80 -21.22
CA LEU B 278 0.19 11.75 -20.52
C LEU B 278 -0.71 10.58 -20.16
N TYR B 279 -2.01 10.84 -19.94
CA TYR B 279 -2.92 9.74 -19.64
C TYR B 279 -3.15 8.88 -20.88
N GLU B 280 -3.23 9.50 -22.06
CA GLU B 280 -3.36 8.74 -23.30
C GLU B 280 -2.25 7.72 -23.44
N ILE B 281 -1.01 8.13 -23.15
CA ILE B 281 0.14 7.24 -23.31
C ILE B 281 0.03 6.04 -22.38
N MET B 282 -0.29 6.28 -21.11
CA MET B 282 -0.43 5.15 -20.19
C MET B 282 -1.73 4.39 -20.43
N TYR B 283 -2.77 5.06 -20.92
CA TYR B 283 -3.99 4.35 -21.30
C TYR B 283 -3.71 3.41 -22.45
N SER B 284 -2.90 3.86 -23.41
CA SER B 284 -2.54 3.01 -24.55
C SER B 284 -1.86 1.71 -24.12
N CYS B 285 -1.23 1.70 -22.96
CA CYS B 285 -0.59 0.49 -22.43
C CYS B 285 -1.58 -0.49 -21.84
N TRP B 286 -2.89 -0.25 -22.02
CA TRP B 286 -3.91 -1.08 -21.40
C TRP B 286 -4.98 -1.55 -22.37
N ARG B 287 -4.89 -1.16 -23.64
CA ARG B 287 -5.87 -1.57 -24.64
C ARG B 287 -6.02 -3.08 -24.61
N THR B 288 -7.28 -3.53 -24.55
CA THR B 288 -7.55 -4.94 -24.25
C THR B 288 -6.90 -5.85 -25.28
N ASP B 289 -7.16 -5.62 -26.55
CA ASP B 289 -6.53 -6.41 -27.61
C ASP B 289 -5.05 -6.08 -27.67
N PRO B 290 -4.15 -6.99 -27.29
CA PRO B 290 -2.74 -6.60 -27.12
C PRO B 290 -2.06 -6.15 -28.39
N LEU B 291 -2.34 -6.80 -29.52
CA LEU B 291 -1.66 -6.46 -30.76
C LEU B 291 -1.93 -5.03 -31.22
N ASP B 292 -2.84 -4.32 -30.57
CA ASP B 292 -3.06 -2.90 -30.81
C ASP B 292 -2.38 -2.03 -29.76
N ARG B 293 -1.55 -2.62 -28.89
CA ARG B 293 -0.80 -1.85 -27.89
C ARG B 293 0.51 -1.34 -28.49
N PRO B 294 0.97 -0.18 -28.04
CA PRO B 294 2.22 0.37 -28.58
C PRO B 294 3.44 -0.37 -28.06
N THR B 295 4.45 -0.48 -28.92
CA THR B 295 5.72 -1.06 -28.50
C THR B 295 6.50 -0.08 -27.65
N PHE B 296 7.50 -0.60 -26.93
CA PHE B 296 8.30 0.24 -26.06
C PHE B 296 9.07 1.29 -26.85
N SER B 297 9.44 0.98 -28.09
CA SER B 297 10.15 1.93 -28.93
C SER B 297 9.27 3.11 -29.34
N VAL B 298 7.96 3.03 -29.13
CA VAL B 298 7.04 4.10 -29.48
C VAL B 298 6.69 4.94 -28.27
N LEU B 299 6.36 4.29 -27.14
CA LEU B 299 6.12 5.01 -25.90
C LEU B 299 7.32 5.87 -25.53
N ARG B 300 8.53 5.39 -25.82
CA ARG B 300 9.74 6.15 -25.51
C ARG B 300 9.75 7.49 -26.23
N LEU B 301 9.41 7.48 -27.52
CA LEU B 301 9.44 8.72 -28.29
C LEU B 301 8.30 9.65 -27.89
N GLN B 302 7.08 9.09 -27.77
CA GLN B 302 5.92 9.90 -27.37
C GLN B 302 6.18 10.62 -26.05
N LEU B 303 6.80 9.93 -25.09
CA LEU B 303 7.19 10.59 -23.85
C LEU B 303 8.30 11.61 -24.10
N GLU B 304 9.35 11.19 -24.83
CA GLU B 304 10.43 12.11 -25.18
C GLU B 304 9.90 13.30 -25.97
N ARG B 305 8.87 13.09 -26.80
CA ARG B 305 8.28 14.21 -27.53
C ARG B 305 7.44 15.09 -26.62
N LEU B 306 6.66 14.47 -25.73
CA LEU B 306 5.87 15.25 -24.78
C LEU B 306 6.72 16.15 -23.90
N LEU B 307 7.92 15.70 -23.55
CA LEU B 307 8.80 16.50 -22.71
C LEU B 307 9.23 17.78 -23.43
N GLU B 308 9.62 17.66 -24.70
CA GLU B 308 10.05 18.83 -25.46
C GLU B 308 8.98 19.91 -25.49
N SER B 309 7.71 19.52 -25.42
CA SER B 309 6.63 20.51 -25.41
C SER B 309 6.65 21.34 -24.14
N LEU B 310 6.97 20.70 -23.01
CA LEU B 310 7.00 21.40 -21.73
C LEU B 310 8.12 22.46 -21.73
N PRO B 311 8.02 23.45 -20.83
CA PRO B 311 9.14 24.39 -20.66
C PRO B 311 10.38 23.72 -20.11
C02 YR7 C . -14.69 -2.46 5.38
C03 YR7 C . -15.91 -3.38 5.41
C04 YR7 C . -17.03 -2.84 4.52
C05 YR7 C . -15.02 -1.04 5.85
C06 YR7 C . -16.13 -0.44 4.98
C07 YR7 C . -17.35 -1.37 4.85
C09 YR7 C . -19.34 -0.10 4.34
C10 YR7 C . -20.01 0.76 3.52
C11 YR7 C . -19.57 0.87 2.03
N12 YR7 C . -20.07 1.90 1.14
C13 YR7 C . -19.52 1.76 -0.22
C14 YR7 C . -20.62 1.95 -1.13
C15 YR7 C . -20.74 3.44 -1.46
C17 YR7 C . -19.80 3.62 -3.41
C18 YR7 C . -20.41 4.89 -4.03
C19 YR7 C . -20.76 4.65 -5.49
C21 YR7 C . -18.33 3.27 -1.83
C22 YR7 C . -18.38 2.62 -0.44
C24 YR7 C . -21.09 1.45 4.07
C26 YR7 C . -20.70 0.45 6.09
C28 YR7 C . -20.04 -0.65 8.20
C29 YR7 C . -19.00 0.18 8.97
C30 YR7 C . -18.15 -0.70 9.89
C31 YR7 C . -17.75 -2.00 9.17
F20 YR7 C . -21.44 3.47 -5.58
N08 YR7 C . -18.23 -0.85 3.82
N16 YR7 C . -19.59 3.84 -2.25
N25 YR7 C . -21.41 1.29 5.36
N27 YR7 C . -21.00 0.23 7.50
N32 YR7 C . -19.68 -0.24 5.61
O01 YR7 C . -13.67 -3.01 6.19
O23 YR7 C . -18.80 0.09 1.59
C02 YR7 D . 14.26 -5.49 -3.30
C03 YR7 D . 15.31 -5.97 -2.29
C04 YR7 D . 16.21 -4.83 -1.78
C05 YR7 D . 14.84 -4.61 -4.41
C06 YR7 D . 15.73 -3.49 -3.86
C07 YR7 D . 16.82 -4.03 -2.94
C09 YR7 D . 18.84 -2.51 -3.07
C10 YR7 D . 19.63 -1.50 -2.51
C11 YR7 D . 19.23 -0.80 -1.18
N12 YR7 D . 19.79 0.52 -0.79
C13 YR7 D . 19.34 1.11 0.51
C14 YR7 D . 20.50 1.45 1.32
C15 YR7 D . 20.97 2.90 1.16
C17 YR7 D . 20.24 4.94 1.31
C18 YR7 D . 19.72 5.64 2.58
C19 YR7 D . 20.76 5.67 3.70
C21 YR7 D . 18.94 3.57 0.22
C22 YR7 D . 18.37 2.14 0.28
C24 YR7 D . 20.80 -1.15 -3.19
C26 YR7 D . 20.32 -2.73 -4.82
C28 YR7 D . 20.07 -4.66 -6.45
C29 YR7 D . 18.77 -4.40 -7.24
C30 YR7 D . 17.87 -5.65 -7.32
C31 YR7 D . 17.77 -6.37 -5.97
F20 YR7 D . 21.10 4.38 4.04
N08 YR7 D . 17.60 -2.92 -2.41
N16 YR7 D . 19.86 3.80 1.29
N25 YR7 D . 21.12 -1.77 -4.32
N27 YR7 D . 20.71 -3.39 -6.08
N32 YR7 D . 19.20 -3.10 -4.21
O01 YR7 D . 13.66 -6.62 -3.90
O23 YR7 D . 18.46 -1.34 -0.44
#